data_6MOF
#
_entry.id   6MOF
#
_cell.length_a   108.834
_cell.length_b   108.834
_cell.length_c   96.264
_cell.angle_alpha   90.00
_cell.angle_beta   90.00
_cell.angle_gamma   90.00
#
_symmetry.space_group_name_H-M   'P 41 21 2'
#
loop_
_entity.id
_entity.type
_entity.pdbx_description
1 polymer 'G2 DARPin'
2 polymer 'Erythropoietin receptor'
3 non-polymer 1,2-ETHANEDIOL
4 water water
#
loop_
_entity_poly.entity_id
_entity_poly.type
_entity_poly.pdbx_seq_one_letter_code
_entity_poly.pdbx_strand_id
1 'polypeptide(L)'
;MGSDLGKKLLKAARAGQDVEVRILMANGADVNATDIWGATPLHLAALIGRLEIVEVLLKNGADVNASDITGTTPLHLAAT
KGHLEIVEALLKYGADVNASDLNGATPLHLAARRGHLEIVEVLLKHGADVNAQDKFGKTAFDISIDIGNGDLAEILQAAA
LEHHHHHH
;
A
2 'polypeptide(L)'
;FAGSADPKFESKAALLAARGPEELLCFTERLEDLVCFWEEAASAGVGPGQYSFSYQLEDEPWKLCRLHQAPTARGAVRFW
CSLPTADTSSFVPLELRVTAASGAPRYHRVIHINEVVLLDAPVGLVARLADESGHVVLRWLPPPETPMTSHIRYEVDVSA
GQGAGSVQRVEILEGRTECVLSNLRGRTRYTFAVRARMAEPSFGGFWSAWSEPVSLLTPSDLDKEKAAA
;
B
#
loop_
_chem_comp.id
_chem_comp.type
_chem_comp.name
_chem_comp.formula
EDO non-polymer 1,2-ETHANEDIOL 'C2 H6 O2'
#
# COMPACT_ATOMS: atom_id res chain seq x y z
N GLY A 2 -24.56 -10.06 16.10
CA GLY A 2 -23.16 -10.06 16.48
C GLY A 2 -22.95 -10.40 17.95
N SER A 3 -21.69 -10.69 18.30
CA SER A 3 -21.33 -11.03 19.68
C SER A 3 -20.14 -10.18 20.10
N ASP A 4 -20.07 -9.89 21.41
CA ASP A 4 -18.93 -9.15 21.93
C ASP A 4 -17.63 -9.92 21.74
N LEU A 5 -17.68 -11.25 21.83
CA LEU A 5 -16.51 -12.05 21.51
C LEU A 5 -16.32 -12.15 20.00
N GLY A 6 -17.41 -12.23 19.25
CA GLY A 6 -17.30 -12.31 17.80
C GLY A 6 -16.78 -11.03 17.19
N LYS A 7 -17.24 -9.89 17.69
CA LYS A 7 -16.75 -8.60 17.19
C LYS A 7 -15.28 -8.39 17.54
N LYS A 8 -14.84 -8.88 18.70
CA LYS A 8 -13.43 -8.77 19.06
C LYS A 8 -12.56 -9.64 18.17
N LEU A 9 -13.07 -10.80 17.76
CA LEU A 9 -12.28 -11.70 16.91
C LEU A 9 -12.03 -11.08 15.54
N LEU A 10 -13.03 -10.38 15.00
CA LEU A 10 -12.85 -9.71 13.71
C LEU A 10 -11.77 -8.64 13.81
N LYS A 11 -11.76 -7.87 14.90
CA LYS A 11 -10.74 -6.84 15.07
C LYS A 11 -9.38 -7.45 15.33
N ALA A 12 -9.32 -8.53 16.10
CA ALA A 12 -8.05 -9.19 16.37
C ALA A 12 -7.46 -9.79 15.10
N ALA A 13 -8.31 -10.38 14.25
CA ALA A 13 -7.82 -10.96 13.01
C ALA A 13 -7.36 -9.87 12.04
N ARG A 14 -8.10 -8.77 11.95
CA ARG A 14 -7.69 -7.67 11.10
C ARG A 14 -6.40 -7.02 11.59
N ALA A 15 -6.20 -6.98 12.91
CA ALA A 15 -5.01 -6.36 13.48
C ALA A 15 -3.79 -7.25 13.44
N GLY A 16 -3.93 -8.49 12.99
CA GLY A 16 -2.79 -9.39 12.92
C GLY A 16 -2.27 -9.84 14.28
N GLN A 17 -3.14 -9.93 15.27
CA GLN A 17 -2.77 -10.33 16.63
C GLN A 17 -3.03 -11.82 16.75
N ASP A 18 -1.97 -12.63 16.58
CA ASP A 18 -2.13 -14.08 16.53
C ASP A 18 -2.59 -14.64 17.87
N VAL A 19 -1.97 -14.20 18.97
CA VAL A 19 -2.34 -14.74 20.28
C VAL A 19 -3.72 -14.30 20.70
N GLU A 20 -4.14 -13.10 20.29
CA GLU A 20 -5.49 -12.64 20.61
C GLU A 20 -6.55 -13.48 19.90
N VAL A 21 -6.30 -13.84 18.64
CA VAL A 21 -7.26 -14.64 17.89
C VAL A 21 -7.47 -16.00 18.56
N ARG A 22 -6.38 -16.62 19.02
CA ARG A 22 -6.50 -17.93 19.65
C ARG A 22 -7.26 -17.85 20.97
N ILE A 23 -6.87 -16.91 21.83
CA ILE A 23 -7.47 -16.83 23.16
C ILE A 23 -8.93 -16.38 23.10
N LEU A 24 -9.36 -15.77 21.99
CA LEU A 24 -10.74 -15.35 21.87
C LEU A 24 -11.66 -16.54 21.59
N MET A 25 -11.37 -17.31 20.55
CA MET A 25 -12.17 -18.50 20.28
C MET A 25 -11.91 -19.62 21.30
N ALA A 26 -10.83 -19.53 22.08
CA ALA A 26 -10.70 -20.41 23.23
C ALA A 26 -11.70 -20.05 24.31
N ASN A 27 -12.10 -18.78 24.39
CA ASN A 27 -13.15 -18.32 25.28
C ASN A 27 -14.55 -18.51 24.69
N GLY A 28 -14.65 -19.07 23.50
CA GLY A 28 -15.92 -19.34 22.88
C GLY A 28 -16.38 -18.34 21.82
N ALA A 29 -15.45 -17.72 21.11
CA ALA A 29 -15.82 -16.74 20.09
C ALA A 29 -16.28 -17.43 18.81
N ASP A 30 -17.30 -16.88 18.18
CA ASP A 30 -17.82 -17.42 16.93
C ASP A 30 -16.79 -17.19 15.83
N VAL A 31 -16.20 -18.29 15.34
CA VAL A 31 -15.18 -18.17 14.29
C VAL A 31 -15.78 -17.71 12.97
N ASN A 32 -17.10 -17.82 12.80
CA ASN A 32 -17.78 -17.40 11.59
C ASN A 32 -18.55 -16.10 11.78
N ALA A 33 -18.05 -15.22 12.64
CA ALA A 33 -18.67 -13.93 12.84
C ALA A 33 -18.51 -13.05 11.60
N THR A 34 -19.43 -12.10 11.44
CA THR A 34 -19.46 -11.24 10.26
C THR A 34 -19.63 -9.78 10.69
N ASP A 35 -18.99 -8.89 9.97
CA ASP A 35 -19.17 -7.45 10.17
C ASP A 35 -20.36 -6.99 9.34
N ILE A 36 -20.50 -5.68 9.14
CA ILE A 36 -21.61 -5.18 8.33
C ILE A 36 -21.40 -5.48 6.86
N TRP A 37 -20.16 -5.77 6.45
CA TRP A 37 -19.86 -6.18 5.08
C TRP A 37 -19.95 -7.68 4.90
N GLY A 38 -20.20 -8.44 5.96
CA GLY A 38 -20.29 -9.89 5.86
C GLY A 38 -18.96 -10.61 5.86
N ALA A 39 -17.86 -9.90 6.10
CA ALA A 39 -16.54 -10.52 6.08
C ALA A 39 -16.29 -11.26 7.40
N THR A 40 -15.73 -12.46 7.27
CA THR A 40 -15.34 -13.28 8.41
C THR A 40 -13.90 -12.98 8.79
N PRO A 41 -13.46 -13.41 9.97
CA PRO A 41 -12.02 -13.29 10.29
C PRO A 41 -11.12 -13.96 9.27
N LEU A 42 -11.61 -15.00 8.59
CA LEU A 42 -10.83 -15.63 7.54
C LEU A 42 -10.60 -14.67 6.37
N HIS A 43 -11.59 -13.83 6.07
CA HIS A 43 -11.40 -12.78 5.06
C HIS A 43 -10.28 -11.84 5.48
N LEU A 44 -10.36 -11.32 6.71
CA LEU A 44 -9.39 -10.31 7.15
C LEU A 44 -8.01 -10.91 7.35
N ALA A 45 -7.95 -12.17 7.82
CA ALA A 45 -6.65 -12.82 7.99
C ALA A 45 -5.98 -13.03 6.65
N ALA A 46 -6.76 -13.36 5.61
CA ALA A 46 -6.21 -13.51 4.27
C ALA A 46 -5.90 -12.17 3.63
N LEU A 47 -6.67 -11.13 3.98
CA LEU A 47 -6.44 -9.80 3.40
C LEU A 47 -5.10 -9.24 3.84
N ILE A 48 -4.82 -9.26 5.14
CA ILE A 48 -3.56 -8.73 5.66
C ILE A 48 -2.39 -9.65 5.39
N GLY A 49 -2.64 -10.90 4.98
CA GLY A 49 -1.56 -11.80 4.62
C GLY A 49 -0.83 -12.37 5.81
N ARG A 50 -1.52 -13.15 6.64
CA ARG A 50 -0.94 -13.80 7.81
C ARG A 50 -1.31 -15.28 7.74
N LEU A 51 -0.40 -16.08 7.18
CA LEU A 51 -0.68 -17.51 6.98
C LEU A 51 -0.94 -18.21 8.30
N GLU A 52 -0.21 -17.84 9.35
CA GLU A 52 -0.37 -18.50 10.65
C GLU A 52 -1.75 -18.26 11.23
N ILE A 53 -2.34 -17.09 10.96
CA ILE A 53 -3.69 -16.82 11.46
C ILE A 53 -4.73 -17.50 10.58
N VAL A 54 -4.48 -17.58 9.27
CA VAL A 54 -5.43 -18.22 8.36
C VAL A 54 -5.55 -19.71 8.69
N GLU A 55 -4.41 -20.38 8.92
CA GLU A 55 -4.43 -21.81 9.15
C GLU A 55 -5.10 -22.15 10.48
N VAL A 56 -4.90 -21.32 11.50
CA VAL A 56 -5.51 -21.60 12.80
C VAL A 56 -7.02 -21.40 12.75
N LEU A 57 -7.48 -20.41 11.98
CA LEU A 57 -8.92 -20.24 11.78
C LEU A 57 -9.51 -21.44 11.06
N LEU A 58 -8.83 -21.93 10.03
CA LEU A 58 -9.32 -23.10 9.29
C LEU A 58 -9.36 -24.35 10.16
N LYS A 59 -8.45 -24.46 11.12
CA LYS A 59 -8.46 -25.63 12.02
C LYS A 59 -9.63 -25.56 13.00
N ASN A 60 -9.98 -24.36 13.45
CA ASN A 60 -11.07 -24.18 14.41
C ASN A 60 -12.43 -24.17 13.75
N GLY A 61 -12.51 -24.34 12.43
CA GLY A 61 -13.78 -24.45 11.75
C GLY A 61 -14.25 -23.20 11.03
N ALA A 62 -13.32 -22.46 10.43
CA ALA A 62 -13.70 -21.28 9.67
C ALA A 62 -14.30 -21.67 8.33
N ASP A 63 -15.40 -21.02 7.96
CA ASP A 63 -16.05 -21.27 6.68
C ASP A 63 -15.13 -20.82 5.56
N VAL A 64 -14.55 -21.79 4.83
CA VAL A 64 -13.61 -21.45 3.77
C VAL A 64 -14.30 -20.90 2.54
N ASN A 65 -15.59 -21.17 2.37
CA ASN A 65 -16.36 -20.71 1.21
C ASN A 65 -17.25 -19.53 1.54
N ALA A 66 -16.99 -18.85 2.66
CA ALA A 66 -17.79 -17.68 3.01
C ALA A 66 -17.50 -16.53 2.05
N SER A 67 -18.56 -15.84 1.64
CA SER A 67 -18.45 -14.70 0.74
C SER A 67 -19.16 -13.50 1.36
N ASP A 68 -18.52 -12.34 1.31
CA ASP A 68 -19.09 -11.14 1.88
C ASP A 68 -20.19 -10.59 0.97
N ILE A 69 -20.72 -9.42 1.33
CA ILE A 69 -21.85 -8.87 0.59
C ILE A 69 -21.46 -8.46 -0.82
N THR A 70 -20.16 -8.34 -1.11
CA THR A 70 -19.69 -8.06 -2.46
C THR A 70 -19.42 -9.32 -3.25
N GLY A 71 -19.55 -10.49 -2.64
CA GLY A 71 -19.31 -11.75 -3.31
C GLY A 71 -17.87 -12.25 -3.27
N THR A 72 -16.98 -11.53 -2.61
CA THR A 72 -15.57 -11.91 -2.56
C THR A 72 -15.33 -12.85 -1.38
N THR A 73 -14.67 -13.96 -1.66
CA THR A 73 -14.29 -14.96 -0.68
C THR A 73 -12.86 -14.75 -0.23
N PRO A 74 -12.42 -15.44 0.84
CA PRO A 74 -11.00 -15.36 1.20
C PRO A 74 -10.07 -15.81 0.09
N LEU A 75 -10.51 -16.74 -0.77
CA LEU A 75 -9.69 -17.13 -1.91
C LEU A 75 -9.57 -15.99 -2.90
N HIS A 76 -10.59 -15.15 -3.02
CA HIS A 76 -10.52 -13.97 -3.88
C HIS A 76 -9.44 -13.01 -3.39
N LEU A 77 -9.47 -12.68 -2.10
CA LEU A 77 -8.56 -11.67 -1.56
C LEU A 77 -7.10 -12.12 -1.65
N ALA A 78 -6.85 -13.38 -1.26
CA ALA A 78 -5.47 -13.89 -1.30
C ALA A 78 -4.94 -13.93 -2.72
N ALA A 79 -5.78 -14.29 -3.69
CA ALA A 79 -5.35 -14.28 -5.08
C ALA A 79 -5.06 -12.87 -5.58
N THR A 80 -5.74 -11.87 -5.00
CA THR A 80 -5.50 -10.49 -5.40
C THR A 80 -4.18 -9.98 -4.85
N LYS A 81 -3.96 -10.14 -3.54
CA LYS A 81 -2.77 -9.63 -2.90
C LYS A 81 -1.52 -10.47 -3.17
N GLY A 82 -1.67 -11.68 -3.70
CA GLY A 82 -0.53 -12.50 -4.06
C GLY A 82 0.02 -13.35 -2.94
N HIS A 83 -0.83 -13.88 -2.06
CA HIS A 83 -0.42 -14.71 -0.95
C HIS A 83 -0.58 -16.17 -1.37
N LEU A 84 0.45 -16.70 -2.04
CA LEU A 84 0.36 -18.05 -2.58
C LEU A 84 0.20 -19.08 -1.46
N GLU A 85 0.97 -18.93 -0.38
CA GLU A 85 0.90 -19.88 0.73
C GLU A 85 -0.51 -19.90 1.33
N ILE A 86 -1.20 -18.75 1.33
CA ILE A 86 -2.57 -18.71 1.80
C ILE A 86 -3.53 -19.27 0.75
N VAL A 87 -3.25 -19.00 -0.53
CA VAL A 87 -4.04 -19.60 -1.59
C VAL A 87 -3.95 -21.12 -1.54
N GLU A 88 -2.76 -21.64 -1.24
CA GLU A 88 -2.59 -23.09 -1.12
C GLU A 88 -3.28 -23.62 0.14
N ALA A 89 -3.30 -22.83 1.21
CA ALA A 89 -3.89 -23.30 2.46
C ALA A 89 -5.41 -23.40 2.36
N LEU A 90 -6.05 -22.41 1.73
CA LEU A 90 -7.50 -22.43 1.58
C LEU A 90 -7.95 -23.61 0.74
N LEU A 91 -7.21 -23.92 -0.34
CA LEU A 91 -7.58 -25.01 -1.22
C LEU A 91 -7.49 -26.35 -0.51
N LYS A 92 -6.50 -26.53 0.36
CA LYS A 92 -6.37 -27.79 1.09
C LYS A 92 -7.55 -28.02 2.02
N TYR A 93 -8.20 -26.95 2.48
CA TYR A 93 -9.39 -27.03 3.31
C TYR A 93 -10.67 -26.97 2.49
N GLY A 94 -10.60 -27.19 1.18
CA GLY A 94 -11.78 -27.28 0.35
C GLY A 94 -12.34 -25.97 -0.15
N ALA A 95 -11.49 -24.99 -0.43
CA ALA A 95 -11.97 -23.72 -0.94
C ALA A 95 -12.52 -23.86 -2.35
N ASP A 96 -13.64 -23.20 -2.62
CA ASP A 96 -14.23 -23.21 -3.94
C ASP A 96 -13.40 -22.36 -4.89
N VAL A 97 -12.81 -23.01 -5.90
CA VAL A 97 -11.96 -22.28 -6.85
C VAL A 97 -12.76 -21.58 -7.94
N ASN A 98 -14.04 -21.92 -8.09
CA ASN A 98 -14.89 -21.32 -9.12
C ASN A 98 -15.94 -20.38 -8.53
N ALA A 99 -15.65 -19.79 -7.38
CA ALA A 99 -16.57 -18.83 -6.77
C ALA A 99 -16.43 -17.47 -7.45
N SER A 100 -17.57 -16.84 -7.72
CA SER A 100 -17.61 -15.55 -8.39
C SER A 100 -18.24 -14.50 -7.49
N ASP A 101 -17.76 -13.26 -7.62
CA ASP A 101 -18.27 -12.14 -6.86
C ASP A 101 -19.38 -11.45 -7.65
N LEU A 102 -19.79 -10.26 -7.20
CA LEU A 102 -20.82 -9.50 -7.89
C LEU A 102 -20.35 -8.95 -9.23
N ASN A 103 -19.06 -9.06 -9.54
CA ASN A 103 -18.54 -8.77 -10.86
C ASN A 103 -18.42 -10.01 -11.73
N GLY A 104 -18.84 -11.17 -11.23
CA GLY A 104 -18.66 -12.42 -11.94
C GLY A 104 -17.22 -12.87 -12.04
N ALA A 105 -16.35 -12.30 -11.20
CA ALA A 105 -14.92 -12.60 -11.26
C ALA A 105 -14.58 -13.73 -10.29
N THR A 106 -13.82 -14.70 -10.78
CA THR A 106 -13.31 -15.80 -9.97
C THR A 106 -11.90 -15.47 -9.50
N PRO A 107 -11.36 -16.23 -8.55
CA PRO A 107 -9.95 -16.03 -8.16
C PRO A 107 -8.99 -16.08 -9.33
N LEU A 108 -9.33 -16.81 -10.39
CA LEU A 108 -8.50 -16.80 -11.59
C LEU A 108 -8.49 -15.43 -12.25
N HIS A 109 -9.60 -14.69 -12.17
CA HIS A 109 -9.65 -13.36 -12.76
C HIS A 109 -8.78 -12.38 -11.97
N LEU A 110 -8.92 -12.38 -10.65
CA LEU A 110 -8.24 -11.38 -9.83
C LEU A 110 -6.72 -11.58 -9.84
N ALA A 111 -6.28 -12.84 -9.82
CA ALA A 111 -4.85 -13.11 -9.83
C ALA A 111 -4.22 -12.70 -11.16
N ALA A 112 -4.90 -12.97 -12.28
CA ALA A 112 -4.37 -12.61 -13.58
C ALA A 112 -4.35 -11.10 -13.80
N ARG A 113 -5.19 -10.35 -13.07
CA ARG A 113 -5.22 -8.90 -13.22
C ARG A 113 -4.01 -8.23 -12.58
N ARG A 114 -3.32 -8.91 -11.67
CA ARG A 114 -2.10 -8.39 -11.06
C ARG A 114 -0.86 -9.18 -11.46
N GLY A 115 -1.00 -10.13 -12.38
CA GLY A 115 0.15 -10.85 -12.89
C GLY A 115 0.78 -11.83 -11.94
N HIS A 116 0.00 -12.40 -11.03
CA HIS A 116 0.51 -13.40 -10.09
C HIS A 116 0.56 -14.73 -10.81
N LEU A 117 1.69 -14.98 -11.48
CA LEU A 117 1.83 -16.15 -12.34
C LEU A 117 1.76 -17.44 -11.55
N GLU A 118 2.42 -17.50 -10.40
CA GLU A 118 2.48 -18.74 -9.63
C GLU A 118 1.12 -19.12 -9.08
N ILE A 119 0.26 -18.14 -8.80
CA ILE A 119 -1.06 -18.45 -8.26
C ILE A 119 -2.00 -18.93 -9.37
N VAL A 120 -1.86 -18.37 -10.57
CA VAL A 120 -2.72 -18.78 -11.68
C VAL A 120 -2.52 -20.26 -11.99
N GLU A 121 -1.28 -20.74 -11.93
CA GLU A 121 -1.02 -22.15 -12.20
C GLU A 121 -1.61 -23.04 -11.12
N VAL A 122 -1.49 -22.63 -9.85
CA VAL A 122 -2.00 -23.44 -8.75
C VAL A 122 -3.52 -23.55 -8.82
N LEU A 123 -4.19 -22.44 -9.15
CA LEU A 123 -5.65 -22.48 -9.27
C LEU A 123 -6.09 -23.39 -10.41
N LEU A 124 -5.36 -23.34 -11.53
CA LEU A 124 -5.70 -24.22 -12.65
C LEU A 124 -5.54 -25.69 -12.29
N LYS A 125 -4.57 -26.01 -11.42
CA LYS A 125 -4.36 -27.40 -11.03
C LYS A 125 -5.50 -27.92 -10.16
N HIS A 126 -6.26 -27.04 -9.50
CA HIS A 126 -7.38 -27.44 -8.67
C HIS A 126 -8.72 -27.35 -9.41
N GLY A 127 -8.70 -27.29 -10.72
CA GLY A 127 -9.92 -27.30 -11.50
C GLY A 127 -10.53 -25.94 -11.79
N ALA A 128 -9.71 -24.92 -12.00
CA ALA A 128 -10.24 -23.59 -12.30
C ALA A 128 -10.76 -23.55 -13.73
N ASP A 129 -11.95 -22.98 -13.89
CA ASP A 129 -12.56 -22.85 -15.20
C ASP A 129 -11.85 -21.73 -15.97
N VAL A 130 -11.10 -22.10 -17.01
CA VAL A 130 -10.37 -21.11 -17.80
C VAL A 130 -11.33 -20.29 -18.66
N ASN A 131 -12.47 -20.87 -19.04
CA ASN A 131 -13.43 -20.22 -19.92
C ASN A 131 -14.46 -19.39 -19.17
N ALA A 132 -14.29 -19.20 -17.87
CA ALA A 132 -15.26 -18.43 -17.09
C ALA A 132 -15.13 -16.94 -17.42
N GLN A 133 -16.26 -16.31 -17.72
CA GLN A 133 -16.32 -14.90 -18.02
C GLN A 133 -16.99 -14.14 -16.88
N ASP A 134 -16.53 -12.90 -16.66
CA ASP A 134 -17.10 -12.05 -15.63
C ASP A 134 -18.32 -11.32 -16.15
N LYS A 135 -18.74 -10.25 -15.46
CA LYS A 135 -19.89 -9.49 -15.91
C LYS A 135 -19.57 -8.73 -17.20
N PHE A 136 -18.32 -8.35 -17.42
CA PHE A 136 -17.91 -7.64 -18.61
C PHE A 136 -17.63 -8.56 -19.79
N GLY A 137 -17.89 -9.86 -19.65
CA GLY A 137 -17.57 -10.80 -20.71
C GLY A 137 -16.09 -11.08 -20.87
N LYS A 138 -15.30 -10.78 -19.84
CA LYS A 138 -13.86 -11.00 -19.89
C LYS A 138 -13.52 -12.35 -19.27
N THR A 139 -12.90 -13.22 -20.05
CA THR A 139 -12.36 -14.44 -19.51
C THR A 139 -10.97 -14.18 -18.92
N ALA A 140 -10.40 -15.21 -18.30
CA ALA A 140 -9.06 -15.07 -17.73
C ALA A 140 -8.02 -14.78 -18.81
N PHE A 141 -8.29 -15.15 -20.06
CA PHE A 141 -7.38 -14.85 -21.15
C PHE A 141 -7.57 -13.42 -21.66
N ASP A 142 -8.81 -12.92 -21.65
CA ASP A 142 -9.06 -11.54 -22.07
C ASP A 142 -8.34 -10.55 -21.18
N ILE A 143 -8.24 -10.85 -19.88
CA ILE A 143 -7.54 -9.97 -18.96
C ILE A 143 -6.06 -9.94 -19.27
N SER A 144 -5.48 -11.11 -19.56
CA SER A 144 -4.05 -11.17 -19.86
C SER A 144 -3.69 -10.35 -21.09
N ILE A 145 -4.60 -10.24 -22.04
CA ILE A 145 -4.35 -9.40 -23.21
C ILE A 145 -4.49 -7.92 -22.87
N ASP A 146 -5.40 -7.57 -21.96
CA ASP A 146 -5.57 -6.18 -21.56
C ASP A 146 -4.34 -5.67 -20.81
N ILE A 147 -3.79 -6.48 -19.90
CA ILE A 147 -2.58 -6.07 -19.20
C ILE A 147 -1.35 -6.26 -20.09
N GLY A 148 -1.33 -7.34 -20.87
CA GLY A 148 -0.25 -7.59 -21.80
C GLY A 148 0.83 -8.53 -21.32
N ASN A 149 0.52 -9.45 -20.41
CA ASN A 149 1.51 -10.41 -19.91
C ASN A 149 1.53 -11.61 -20.86
N GLY A 150 2.41 -11.55 -21.86
CA GLY A 150 2.56 -12.68 -22.77
C GLY A 150 3.01 -13.94 -22.08
N ASP A 151 3.79 -13.80 -20.99
CA ASP A 151 4.12 -14.96 -20.17
C ASP A 151 2.86 -15.59 -19.62
N LEU A 152 1.97 -14.77 -19.06
CA LEU A 152 0.70 -15.28 -18.54
C LEU A 152 -0.23 -15.70 -19.67
N ALA A 153 -0.19 -14.98 -20.80
CA ALA A 153 -1.10 -15.27 -21.90
C ALA A 153 -0.82 -16.63 -22.53
N GLU A 154 0.45 -17.02 -22.63
CA GLU A 154 0.81 -18.33 -23.16
C GLU A 154 0.48 -19.46 -22.20
N ILE A 155 0.35 -19.16 -20.91
CA ILE A 155 0.08 -20.21 -19.93
C ILE A 155 -1.38 -20.64 -20.00
N LEU A 156 -2.29 -19.68 -20.15
CA LEU A 156 -3.71 -20.00 -20.14
C LEU A 156 -4.18 -20.64 -21.44
N GLN A 157 -3.63 -20.21 -22.59
CA GLN A 157 -3.98 -20.84 -23.85
C GLN A 157 -3.59 -22.31 -23.85
N ALA A 158 -2.44 -22.64 -23.25
CA ALA A 158 -2.04 -24.03 -23.12
C ALA A 158 -2.99 -24.80 -22.21
N ALA A 159 -3.62 -24.11 -21.26
CA ALA A 159 -4.56 -24.77 -20.35
C ALA A 159 -5.93 -24.95 -20.98
N ALA A 160 -6.36 -23.99 -21.80
CA ALA A 160 -7.67 -24.10 -22.45
C ALA A 160 -7.66 -25.19 -23.53
N LEU A 161 -6.51 -25.49 -24.11
CA LEU A 161 -6.41 -26.55 -25.10
C LEU A 161 -6.46 -27.94 -24.50
N GLU A 162 -6.22 -28.06 -23.20
CA GLU A 162 -6.24 -29.36 -22.53
C GLU A 162 -7.66 -29.76 -22.14
N ASP B 6 -2.28 21.71 -5.66
CA ASP B 6 -0.94 21.46 -5.19
C ASP B 6 -0.11 20.74 -6.25
N PRO B 7 0.89 21.44 -6.80
CA PRO B 7 1.73 20.80 -7.82
C PRO B 7 2.65 19.73 -7.26
N LYS B 8 3.13 19.90 -6.03
CA LYS B 8 3.96 18.87 -5.40
C LYS B 8 3.15 17.61 -5.14
N PHE B 9 1.88 17.77 -4.74
CA PHE B 9 1.01 16.62 -4.52
C PHE B 9 0.85 15.78 -5.77
N GLU B 10 0.94 16.40 -6.95
CA GLU B 10 0.88 15.65 -8.19
C GLU B 10 2.12 14.78 -8.37
N SER B 11 3.30 15.32 -8.04
CA SER B 11 4.52 14.54 -8.17
C SER B 11 4.61 13.43 -7.14
N LYS B 12 4.04 13.64 -5.94
CA LYS B 12 3.99 12.58 -4.95
C LYS B 12 3.07 11.45 -5.41
N ALA B 13 1.93 11.79 -5.98
CA ALA B 13 1.01 10.76 -6.47
C ALA B 13 1.63 10.00 -7.65
N ALA B 14 2.37 10.70 -8.51
CA ALA B 14 2.99 10.04 -9.66
C ALA B 14 4.11 9.11 -9.23
N LEU B 15 4.84 9.45 -8.16
CA LEU B 15 5.91 8.57 -7.67
C LEU B 15 5.33 7.28 -7.12
N LEU B 16 4.29 7.38 -6.29
CA LEU B 16 3.63 6.19 -5.77
C LEU B 16 2.94 5.41 -6.89
N ALA B 17 2.43 6.11 -7.90
CA ALA B 17 1.78 5.42 -9.02
C ALA B 17 2.79 4.57 -9.79
N ALA B 18 4.03 5.04 -9.89
CA ALA B 18 5.06 4.25 -10.57
C ALA B 18 5.43 3.02 -9.76
N ARG B 19 5.30 3.08 -8.43
CA ARG B 19 5.62 1.92 -7.61
C ARG B 19 4.55 0.84 -7.74
N GLY B 20 3.29 1.25 -7.83
CA GLY B 20 2.20 0.31 -7.99
C GLY B 20 0.97 0.98 -8.57
N PRO B 21 0.81 0.90 -9.89
CA PRO B 21 -0.27 1.64 -10.55
C PRO B 21 -1.65 1.03 -10.36
N GLU B 22 -1.73 -0.30 -10.32
CA GLU B 22 -3.04 -0.96 -10.33
C GLU B 22 -3.75 -0.85 -8.98
N GLU B 23 -3.01 -0.96 -7.89
CA GLU B 23 -3.63 -1.03 -6.57
C GLU B 23 -3.96 0.35 -6.04
N LEU B 24 -4.78 0.38 -4.98
CA LEU B 24 -5.10 1.62 -4.29
C LEU B 24 -3.89 2.11 -3.51
N LEU B 25 -3.63 3.41 -3.58
CA LEU B 25 -2.44 4.01 -3.00
C LEU B 25 -2.83 5.07 -1.99
N CYS B 26 -2.27 4.97 -0.79
CA CYS B 26 -2.51 5.94 0.27
C CYS B 26 -1.17 6.43 0.81
N PHE B 27 -1.16 7.67 1.29
CA PHE B 27 0.04 8.23 1.89
C PHE B 27 -0.35 9.39 2.79
N THR B 28 0.55 9.73 3.70
CA THR B 28 0.38 10.87 4.59
C THR B 28 1.59 11.79 4.48
N GLU B 29 1.34 13.09 4.60
CA GLU B 29 2.40 14.09 4.46
C GLU B 29 2.91 14.59 5.81
N ARG B 30 2.01 15.02 6.70
CA ARG B 30 2.40 15.56 8.00
C ARG B 30 1.68 14.84 9.13
N LEU B 31 1.34 13.57 8.92
CA LEU B 31 0.79 12.66 9.94
C LEU B 31 -0.54 13.14 10.52
N GLU B 32 -1.11 14.22 10.00
CA GLU B 32 -2.46 14.66 10.36
C GLU B 32 -3.40 14.61 9.18
N ASP B 33 -3.07 13.81 8.17
CA ASP B 33 -3.83 13.75 6.93
C ASP B 33 -3.63 12.39 6.29
N LEU B 34 -4.52 12.05 5.36
CA LEU B 34 -4.38 10.85 4.56
C LEU B 34 -5.12 11.04 3.24
N VAL B 35 -4.45 10.69 2.15
CA VAL B 35 -5.03 10.78 0.81
C VAL B 35 -4.90 9.41 0.15
N CYS B 36 -6.03 8.82 -0.21
CA CYS B 36 -6.06 7.55 -0.94
C CYS B 36 -6.59 7.80 -2.34
N PHE B 37 -5.86 7.31 -3.35
CA PHE B 37 -6.21 7.57 -4.73
C PHE B 37 -5.96 6.32 -5.56
N TRP B 38 -6.55 6.30 -6.75
CA TRP B 38 -6.28 5.25 -7.72
C TRP B 38 -6.55 5.80 -9.11
N GLU B 39 -5.67 5.46 -10.05
CA GLU B 39 -5.79 5.88 -11.44
C GLU B 39 -6.34 4.73 -12.27
N GLU B 40 -7.43 4.97 -12.98
CA GLU B 40 -8.05 3.96 -13.83
C GLU B 40 -8.33 4.54 -15.20
N ALA B 41 -8.45 3.65 -16.18
CA ALA B 41 -8.84 4.03 -17.54
C ALA B 41 -10.36 4.16 -17.58
N ALA B 42 -10.84 5.27 -17.01
CA ALA B 42 -12.27 5.48 -16.88
C ALA B 42 -12.85 6.01 -18.18
N SER B 43 -14.02 5.48 -18.55
CA SER B 43 -14.72 5.93 -19.73
C SER B 43 -15.34 7.30 -19.48
N ALA B 44 -16.00 7.84 -20.51
CA ALA B 44 -16.60 9.16 -20.41
C ALA B 44 -17.88 9.17 -19.58
N GLY B 45 -18.43 8.00 -19.25
CA GLY B 45 -19.69 7.94 -18.54
C GLY B 45 -19.57 7.93 -17.04
N VAL B 46 -18.59 7.20 -16.51
CA VAL B 46 -18.45 7.03 -15.06
C VAL B 46 -17.89 8.30 -14.45
N GLY B 47 -18.41 8.66 -13.27
CA GLY B 47 -17.94 9.80 -12.53
C GLY B 47 -17.65 9.43 -11.09
N PRO B 48 -17.43 10.44 -10.25
CA PRO B 48 -17.14 10.15 -8.83
C PRO B 48 -18.32 9.57 -8.08
N GLY B 49 -19.55 9.75 -8.56
CA GLY B 49 -20.71 9.16 -7.93
C GLY B 49 -20.94 7.69 -8.24
N GLN B 50 -20.15 7.12 -9.14
CA GLN B 50 -20.30 5.72 -9.51
C GLN B 50 -19.62 4.77 -8.53
N TYR B 51 -18.84 5.29 -7.59
CA TYR B 51 -18.12 4.47 -6.62
C TYR B 51 -18.48 4.92 -5.20
N SER B 52 -18.04 4.13 -4.23
CA SER B 52 -18.25 4.41 -2.81
C SER B 52 -16.98 4.09 -2.05
N PHE B 53 -16.42 5.10 -1.39
CA PHE B 53 -15.19 4.94 -0.60
C PHE B 53 -15.59 4.83 0.87
N SER B 54 -15.54 3.62 1.40
CA SER B 54 -15.88 3.35 2.78
C SER B 54 -14.63 3.05 3.59
N TYR B 55 -14.63 3.48 4.85
CA TYR B 55 -13.48 3.27 5.73
C TYR B 55 -13.98 3.08 7.16
N GLN B 56 -13.14 2.44 7.96
CA GLN B 56 -13.43 2.25 9.38
C GLN B 56 -12.12 2.29 10.16
N LEU B 57 -12.13 3.01 11.28
CA LEU B 57 -10.98 3.02 12.18
C LEU B 57 -11.06 1.83 13.14
N GLU B 58 -10.35 1.90 14.25
CA GLU B 58 -10.30 0.77 15.18
C GLU B 58 -11.67 0.48 15.78
N ASP B 59 -12.33 1.51 16.30
CA ASP B 59 -13.65 1.35 16.91
C ASP B 59 -14.72 2.23 16.31
N GLU B 60 -14.35 3.28 15.57
CA GLU B 60 -15.31 4.16 14.95
C GLU B 60 -16.22 3.39 14.01
N PRO B 61 -17.42 3.90 13.74
CA PRO B 61 -18.30 3.23 12.77
C PRO B 61 -17.80 3.41 11.35
N TRP B 62 -18.31 2.56 10.46
CA TRP B 62 -17.99 2.67 9.04
C TRP B 62 -18.55 3.96 8.48
N LYS B 63 -17.71 4.71 7.78
CA LYS B 63 -18.09 6.01 7.24
C LYS B 63 -17.75 6.07 5.76
N LEU B 64 -18.39 7.02 5.08
CA LEU B 64 -18.13 7.29 3.67
C LEU B 64 -17.21 8.50 3.54
N CYS B 65 -16.33 8.46 2.55
CA CYS B 65 -15.42 9.55 2.24
C CYS B 65 -15.83 10.18 0.91
N ARG B 66 -15.78 11.51 0.85
CA ARG B 66 -16.08 12.21 -0.40
C ARG B 66 -15.02 11.85 -1.44
N LEU B 67 -15.47 11.62 -2.67
CA LEU B 67 -14.59 11.27 -3.78
C LEU B 67 -14.51 12.42 -4.77
N HIS B 68 -13.29 12.70 -5.23
CA HIS B 68 -13.05 13.75 -6.22
C HIS B 68 -12.48 13.13 -7.48
N GLN B 69 -12.91 13.66 -8.63
CA GLN B 69 -12.48 13.18 -9.94
C GLN B 69 -11.49 14.17 -10.54
N ALA B 70 -10.36 13.65 -11.03
CA ALA B 70 -9.31 14.48 -11.61
C ALA B 70 -8.70 13.76 -12.80
N PRO B 71 -8.36 14.49 -13.86
CA PRO B 71 -7.73 13.86 -15.02
C PRO B 71 -6.21 13.78 -14.88
N THR B 72 -5.64 12.60 -15.14
CA THR B 72 -4.21 12.39 -15.06
C THR B 72 -3.68 11.89 -16.39
N ALA B 73 -2.51 12.41 -16.78
CA ALA B 73 -1.82 12.03 -18.02
C ALA B 73 -2.78 12.22 -19.18
N ARG B 74 -3.02 11.22 -20.01
CA ARG B 74 -3.96 11.31 -21.13
C ARG B 74 -4.86 10.09 -21.14
N GLY B 75 -6.16 10.31 -21.23
CA GLY B 75 -7.12 9.22 -21.29
C GLY B 75 -7.34 8.48 -20.00
N ALA B 76 -6.87 9.00 -18.87
CA ALA B 76 -7.04 8.35 -17.58
C ALA B 76 -7.66 9.32 -16.59
N VAL B 77 -8.36 8.76 -15.61
CA VAL B 77 -9.04 9.54 -14.58
C VAL B 77 -8.59 9.02 -13.21
N ARG B 78 -8.25 9.94 -12.31
CA ARG B 78 -7.77 9.61 -10.98
C ARG B 78 -8.82 10.02 -9.96
N PHE B 79 -9.35 9.03 -9.23
CA PHE B 79 -10.26 9.27 -8.12
C PHE B 79 -9.47 9.23 -6.83
N TRP B 80 -9.75 10.19 -5.94
CA TRP B 80 -9.02 10.30 -4.68
C TRP B 80 -9.94 10.72 -3.56
N CYS B 81 -9.69 10.16 -2.37
CA CYS B 81 -10.38 10.53 -1.15
C CYS B 81 -9.40 11.18 -0.18
N SER B 82 -9.83 12.27 0.43
CA SER B 82 -9.04 12.97 1.45
C SER B 82 -9.78 12.84 2.77
N LEU B 83 -9.27 11.99 3.66
CA LEU B 83 -9.94 11.74 4.93
C LEU B 83 -10.00 13.01 5.77
N PRO B 84 -11.08 13.18 6.54
CA PRO B 84 -11.10 14.29 7.51
C PRO B 84 -9.98 14.15 8.52
N THR B 85 -9.45 15.29 8.97
CA THR B 85 -8.32 15.27 9.90
C THR B 85 -8.67 14.60 11.22
N ALA B 86 -9.94 14.54 11.58
CA ALA B 86 -10.32 13.88 12.82
C ALA B 86 -10.13 12.36 12.74
N ASP B 87 -10.18 11.79 11.55
CA ASP B 87 -10.06 10.35 11.35
C ASP B 87 -8.70 9.96 10.80
N THR B 88 -7.64 10.66 11.17
CA THR B 88 -6.29 10.40 10.70
C THR B 88 -5.39 9.89 11.83
N SER B 89 -5.93 9.06 12.70
CA SER B 89 -5.16 8.49 13.79
C SER B 89 -4.18 7.45 13.27
N SER B 90 -3.03 7.34 13.95
CA SER B 90 -1.98 6.44 13.55
C SER B 90 -1.86 5.28 14.52
N PHE B 91 -1.03 4.29 14.14
CA PHE B 91 -0.74 3.10 14.94
C PHE B 91 -1.99 2.28 15.23
N VAL B 92 -3.02 2.42 14.40
CA VAL B 92 -4.24 1.61 14.53
C VAL B 92 -4.67 1.15 13.16
N PRO B 93 -5.28 -0.04 13.09
CA PRO B 93 -5.73 -0.56 11.79
C PRO B 93 -6.79 0.33 11.16
N LEU B 94 -6.63 0.58 9.86
CA LEU B 94 -7.58 1.36 9.07
C LEU B 94 -8.00 0.52 7.87
N GLU B 95 -9.27 0.15 7.82
CA GLU B 95 -9.78 -0.67 6.73
C GLU B 95 -10.37 0.22 5.64
N LEU B 96 -10.14 -0.16 4.39
CA LEU B 96 -10.58 0.61 3.24
C LEU B 96 -11.30 -0.29 2.25
N ARG B 97 -12.35 0.24 1.63
CA ARG B 97 -13.13 -0.49 0.65
C ARG B 97 -13.59 0.45 -0.45
N VAL B 98 -13.16 0.19 -1.68
CA VAL B 98 -13.68 0.87 -2.85
C VAL B 98 -14.71 -0.06 -3.49
N THR B 99 -15.96 0.39 -3.53
CA THR B 99 -17.07 -0.41 -4.04
C THR B 99 -17.90 0.46 -4.96
N ALA B 100 -18.11 -0.03 -6.18
CA ALA B 100 -19.00 0.66 -7.11
C ALA B 100 -20.39 0.78 -6.52
N ALA B 101 -21.09 1.87 -6.86
CA ALA B 101 -22.44 2.09 -6.37
C ALA B 101 -23.36 0.92 -6.70
N SER B 102 -23.06 0.18 -7.78
CA SER B 102 -23.82 -1.02 -8.09
C SER B 102 -23.65 -2.09 -7.03
N GLY B 103 -22.61 -1.99 -6.20
CA GLY B 103 -22.32 -3.00 -5.19
C GLY B 103 -21.14 -3.90 -5.51
N ALA B 104 -20.52 -3.73 -6.68
CA ALA B 104 -19.41 -4.56 -7.11
C ALA B 104 -18.14 -4.18 -6.36
N PRO B 105 -17.32 -5.17 -5.98
CA PRO B 105 -16.08 -4.88 -5.26
C PRO B 105 -14.99 -4.42 -6.21
N ARG B 106 -14.26 -3.38 -5.79
CA ARG B 106 -13.14 -2.84 -6.55
C ARG B 106 -11.83 -2.99 -5.79
N TYR B 107 -11.75 -2.45 -4.57
CA TYR B 107 -10.54 -2.55 -3.76
C TYR B 107 -10.90 -2.90 -2.33
N HIS B 108 -9.91 -3.44 -1.61
CA HIS B 108 -10.08 -3.76 -0.19
C HIS B 108 -8.70 -3.80 0.43
N ARG B 109 -8.40 -2.83 1.29
CA ARG B 109 -7.09 -2.71 1.91
C ARG B 109 -7.22 -2.50 3.42
N VAL B 110 -6.16 -2.87 4.13
CA VAL B 110 -6.00 -2.57 5.55
C VAL B 110 -4.61 -1.96 5.72
N ILE B 111 -4.56 -0.70 6.14
CA ILE B 111 -3.30 0.03 6.22
C ILE B 111 -3.16 0.67 7.60
N HIS B 112 -1.93 1.06 7.91
CA HIS B 112 -1.62 1.90 9.07
C HIS B 112 -1.02 3.21 8.55
N ILE B 113 -1.59 4.33 8.98
CA ILE B 113 -1.19 5.63 8.45
C ILE B 113 0.29 5.87 8.71
N ASN B 114 0.79 5.44 9.87
CA ASN B 114 2.20 5.64 10.21
C ASN B 114 3.14 4.84 9.32
N GLU B 115 2.63 3.91 8.52
CA GLU B 115 3.46 3.08 7.66
C GLU B 115 3.50 3.54 6.21
N VAL B 116 2.79 4.63 5.88
CA VAL B 116 2.79 5.15 4.51
C VAL B 116 3.04 6.65 4.54
N VAL B 117 4.18 7.05 5.09
CA VAL B 117 4.53 8.46 5.24
C VAL B 117 5.43 8.87 4.08
N LEU B 118 5.04 9.93 3.38
CA LEU B 118 5.83 10.53 2.30
C LEU B 118 5.97 12.01 2.64
N LEU B 119 7.05 12.35 3.34
CA LEU B 119 7.23 13.70 3.87
C LEU B 119 7.51 14.69 2.75
N ASP B 120 7.67 15.95 3.12
CA ASP B 120 8.15 16.98 2.21
C ASP B 120 9.67 17.13 2.37
N ALA B 121 10.26 17.85 1.42
CA ALA B 121 11.70 18.05 1.45
C ALA B 121 12.09 18.93 2.64
N PRO B 122 13.20 18.63 3.31
CA PRO B 122 13.68 19.51 4.37
C PRO B 122 14.00 20.90 3.83
N VAL B 123 14.06 21.87 4.74
CA VAL B 123 14.24 23.26 4.39
C VAL B 123 15.38 23.85 5.22
N GLY B 124 15.80 25.04 4.85
CA GLY B 124 16.78 25.78 5.62
C GLY B 124 18.17 25.18 5.65
N LEU B 125 18.56 24.48 4.60
CA LEU B 125 19.88 23.85 4.56
C LEU B 125 20.97 24.93 4.49
N VAL B 126 21.90 24.90 5.43
CA VAL B 126 23.01 25.84 5.48
C VAL B 126 24.31 25.06 5.53
N ALA B 127 25.38 25.67 5.00
CA ALA B 127 26.69 25.04 4.94
C ALA B 127 27.76 26.02 5.38
N ARG B 128 28.56 25.60 6.36
CA ARG B 128 29.62 26.43 6.92
C ARG B 128 30.88 25.58 7.07
N LEU B 129 31.96 26.22 7.50
CA LEU B 129 33.18 25.50 7.88
C LEU B 129 33.10 25.12 9.37
N ALA B 130 33.86 24.08 9.71
CA ALA B 130 33.82 23.55 11.07
C ALA B 130 34.68 24.41 12.01
N ASP B 131 34.35 24.33 13.31
CA ASP B 131 35.18 24.98 14.31
C ASP B 131 36.59 24.41 14.29
N GLU B 132 36.72 23.11 14.03
CA GLU B 132 38.01 22.51 13.77
C GLU B 132 38.39 22.70 12.30
N SER B 133 39.68 22.61 12.02
CA SER B 133 40.18 22.90 10.70
C SER B 133 39.87 21.76 9.72
N GLY B 134 39.52 22.14 8.49
CA GLY B 134 39.42 21.18 7.41
C GLY B 134 38.16 20.34 7.37
N HIS B 135 37.01 20.91 7.74
CA HIS B 135 35.75 20.19 7.68
C HIS B 135 34.63 21.17 7.30
N VAL B 136 33.55 20.61 6.76
CA VAL B 136 32.38 21.37 6.38
C VAL B 136 31.20 20.87 7.19
N VAL B 137 30.50 21.79 7.86
CA VAL B 137 29.35 21.47 8.68
C VAL B 137 28.08 21.79 7.91
N LEU B 138 27.19 20.82 7.81
CA LEU B 138 25.87 20.99 7.22
C LEU B 138 24.83 21.02 8.32
N ARG B 139 23.86 21.92 8.20
CA ARG B 139 22.75 22.01 9.14
C ARG B 139 21.48 22.35 8.37
N TRP B 140 20.37 21.71 8.75
CA TRP B 140 19.12 21.90 8.06
C TRP B 140 17.97 21.80 9.06
N LEU B 141 16.77 22.09 8.57
CA LEU B 141 15.55 22.03 9.35
C LEU B 141 14.64 20.91 8.83
N PRO B 142 13.84 20.30 9.70
CA PRO B 142 12.90 19.26 9.26
C PRO B 142 11.85 19.86 8.35
N PRO B 143 11.09 19.03 7.64
CA PRO B 143 9.99 19.54 6.80
C PRO B 143 9.03 20.37 7.63
N PRO B 144 8.64 21.55 7.12
CA PRO B 144 7.89 22.50 7.96
C PRO B 144 6.54 21.95 8.40
N GLU B 145 6.19 22.23 9.65
CA GLU B 145 4.92 21.82 10.24
C GLU B 145 4.69 20.31 10.07
N THR B 146 5.63 19.55 10.61
CA THR B 146 5.56 18.09 10.61
C THR B 146 5.92 17.60 12.00
N PRO B 147 5.05 16.83 12.65
CA PRO B 147 5.30 16.42 14.04
C PRO B 147 6.32 15.29 14.10
N MET B 148 6.80 15.06 15.33
CA MET B 148 7.72 13.97 15.65
C MET B 148 8.98 14.03 14.78
N THR B 149 9.68 15.16 14.85
CA THR B 149 10.95 15.29 14.17
C THR B 149 12.01 14.37 14.75
N SER B 150 11.79 13.86 15.97
CA SER B 150 12.75 12.96 16.60
C SER B 150 12.86 11.61 15.89
N HIS B 151 11.90 11.28 15.03
CA HIS B 151 11.89 10.01 14.31
C HIS B 151 12.08 10.18 12.81
N ILE B 152 12.66 11.29 12.38
CA ILE B 152 12.88 11.56 10.96
C ILE B 152 14.34 11.25 10.64
N ARG B 153 14.55 10.43 9.62
CA ARG B 153 15.88 10.07 9.14
C ARG B 153 16.21 10.90 7.91
N TYR B 154 17.50 11.18 7.72
CA TYR B 154 17.95 12.02 6.62
C TYR B 154 19.09 11.35 5.87
N GLU B 155 19.33 11.85 4.65
CA GLU B 155 20.46 11.43 3.83
C GLU B 155 20.91 12.62 3.02
N VAL B 156 22.20 12.94 3.09
CA VAL B 156 22.75 14.09 2.38
C VAL B 156 23.47 13.61 1.14
N ASP B 157 23.42 14.44 0.09
CA ASP B 157 24.06 14.15 -1.19
C ASP B 157 25.14 15.17 -1.44
N VAL B 158 26.35 14.69 -1.78
CA VAL B 158 27.49 15.54 -2.06
C VAL B 158 27.74 15.52 -3.56
N SER B 159 27.63 16.70 -4.18
CA SER B 159 27.77 16.84 -5.63
C SER B 159 29.06 17.59 -5.95
N ALA B 160 29.41 17.58 -7.24
CA ALA B 160 30.60 18.24 -7.73
C ALA B 160 30.20 19.18 -8.87
N GLY B 161 31.17 19.53 -9.72
CA GLY B 161 30.89 20.44 -10.81
C GLY B 161 29.94 19.87 -11.83
N GLN B 162 29.42 20.75 -12.67
CA GLN B 162 28.43 20.36 -13.68
C GLN B 162 29.02 19.32 -14.63
N GLY B 163 28.21 18.33 -14.97
CA GLY B 163 28.64 17.21 -15.77
C GLY B 163 28.89 15.94 -14.98
N ALA B 164 29.15 16.07 -13.68
CA ALA B 164 29.36 14.93 -12.81
C ALA B 164 28.84 15.28 -11.42
N GLY B 165 29.03 14.37 -10.47
CA GLY B 165 28.60 14.62 -9.11
C GLY B 165 28.38 13.31 -8.37
N SER B 166 27.55 13.39 -7.32
CA SER B 166 27.26 12.27 -6.45
C SER B 166 28.55 11.66 -5.89
N VAL B 167 29.37 12.52 -5.29
CA VAL B 167 30.66 12.09 -4.76
C VAL B 167 30.46 11.20 -3.54
N GLN B 168 29.48 11.53 -2.69
CA GLN B 168 29.31 10.81 -1.44
C GLN B 168 27.84 10.77 -1.07
N ARG B 169 27.47 9.74 -0.31
CA ARG B 169 26.11 9.57 0.21
C ARG B 169 26.21 9.22 1.69
N VAL B 170 25.69 10.08 2.55
CA VAL B 170 25.79 9.93 4.00
C VAL B 170 24.38 9.84 4.57
N GLU B 171 24.14 8.80 5.37
CA GLU B 171 22.87 8.65 6.08
C GLU B 171 23.02 9.21 7.48
N ILE B 172 22.05 10.02 7.88
CA ILE B 172 22.05 10.67 9.19
C ILE B 172 21.04 9.97 10.09
N LEU B 173 21.44 9.70 11.33
CA LEU B 173 20.59 8.98 12.25
C LEU B 173 19.37 9.80 12.64
N GLU B 174 18.46 9.17 13.38
CA GLU B 174 17.18 9.78 13.70
C GLU B 174 17.36 11.02 14.57
N GLY B 175 16.59 12.06 14.25
CA GLY B 175 16.57 13.26 15.06
C GLY B 175 17.68 14.25 14.74
N ARG B 176 18.87 13.74 14.48
CA ARG B 176 20.01 14.61 14.24
C ARG B 176 19.88 15.33 12.90
N THR B 177 20.09 16.64 12.91
CA THR B 177 19.91 17.48 11.72
C THR B 177 21.18 18.24 11.36
N GLU B 178 22.35 17.68 11.67
CA GLU B 178 23.61 18.25 11.26
C GLU B 178 24.56 17.14 10.83
N CYS B 179 25.59 17.53 10.10
CA CYS B 179 26.53 16.57 9.53
C CYS B 179 27.91 17.20 9.40
N VAL B 180 28.94 16.41 9.71
CA VAL B 180 30.33 16.83 9.57
C VAL B 180 30.98 16.01 8.47
N LEU B 181 31.78 16.66 7.63
CA LEU B 181 32.42 16.03 6.49
C LEU B 181 33.94 16.15 6.64
N SER B 182 34.63 15.02 6.66
CA SER B 182 36.05 14.96 6.96
C SER B 182 36.93 14.92 5.71
N ASN B 183 36.54 14.16 4.69
CA ASN B 183 37.37 13.96 3.50
C ASN B 183 36.76 14.73 2.32
N LEU B 184 37.07 16.02 2.25
CA LEU B 184 36.64 16.88 1.17
C LEU B 184 37.85 17.60 0.59
N ARG B 185 37.94 17.63 -0.74
CA ARG B 185 39.05 18.29 -1.40
C ARG B 185 38.92 19.80 -1.29
N GLY B 186 40.07 20.47 -1.23
CA GLY B 186 40.08 21.91 -1.08
C GLY B 186 40.00 22.64 -2.41
N ARG B 187 39.60 23.90 -2.33
CA ARG B 187 39.52 24.80 -3.50
C ARG B 187 38.62 24.23 -4.59
N THR B 188 37.55 23.55 -4.18
CA THR B 188 36.59 22.96 -5.12
C THR B 188 35.18 23.28 -4.67
N ARG B 189 34.30 23.43 -5.66
CA ARG B 189 32.90 23.77 -5.41
C ARG B 189 32.09 22.50 -5.18
N TYR B 190 31.54 22.36 -3.99
CA TYR B 190 30.66 21.25 -3.64
C TYR B 190 29.22 21.75 -3.58
N THR B 191 28.28 20.85 -3.88
CA THR B 191 26.85 21.14 -3.83
C THR B 191 26.16 20.08 -3.00
N PHE B 192 25.40 20.51 -2.01
CA PHE B 192 24.78 19.61 -1.04
C PHE B 192 23.26 19.61 -1.20
N ALA B 193 22.64 18.54 -0.70
CA ALA B 193 21.20 18.39 -0.71
C ALA B 193 20.83 17.29 0.28
N VAL B 194 19.64 17.39 0.86
CA VAL B 194 19.19 16.44 1.87
C VAL B 194 17.72 16.10 1.62
N ARG B 195 17.36 14.86 1.96
CA ARG B 195 15.98 14.40 1.90
C ARG B 195 15.66 13.66 3.19
N ALA B 196 14.36 13.49 3.46
CA ALA B 196 13.90 12.98 4.73
C ALA B 196 12.91 11.84 4.55
N ARG B 197 12.89 10.94 5.53
CA ARG B 197 11.91 9.87 5.59
C ARG B 197 11.70 9.49 7.04
N MET B 198 10.57 8.84 7.31
CA MET B 198 10.25 8.41 8.67
C MET B 198 10.93 7.09 8.98
N ALA B 199 11.35 6.94 10.23
CA ALA B 199 12.23 5.85 10.63
C ALA B 199 11.47 4.60 11.03
N GLU B 200 12.05 3.44 10.71
CA GLU B 200 11.52 2.16 11.10
C GLU B 200 11.99 1.79 12.51
N PRO B 201 11.29 0.87 13.19
CA PRO B 201 10.08 0.15 12.79
C PRO B 201 8.79 0.88 13.13
N SER B 202 8.91 1.99 13.86
CA SER B 202 7.73 2.73 14.29
C SER B 202 6.99 3.35 13.12
N PHE B 203 7.67 3.59 12.00
CA PHE B 203 7.07 4.23 10.84
C PHE B 203 7.50 3.49 9.58
N GLY B 204 7.00 3.97 8.44
CA GLY B 204 7.36 3.39 7.16
C GLY B 204 6.97 4.32 6.03
N GLY B 205 7.62 4.13 4.89
CA GLY B 205 7.34 4.95 3.74
C GLY B 205 8.53 4.95 2.78
N PHE B 206 8.64 6.03 2.02
CA PHE B 206 9.71 6.21 1.05
C PHE B 206 10.36 7.56 1.25
N TRP B 207 11.50 7.76 0.57
CA TRP B 207 12.21 9.02 0.66
C TRP B 207 11.38 10.15 0.06
N SER B 208 11.53 11.34 0.63
CA SER B 208 10.84 12.52 0.13
C SER B 208 11.64 13.13 -1.02
N ALA B 209 11.21 14.31 -1.48
CA ALA B 209 11.95 15.02 -2.50
C ALA B 209 13.23 15.60 -1.90
N TRP B 210 14.17 15.94 -2.78
CA TRP B 210 15.41 16.56 -2.35
C TRP B 210 15.18 18.03 -2.01
N SER B 211 15.88 18.50 -0.98
CA SER B 211 15.79 19.89 -0.58
C SER B 211 16.43 20.79 -1.65
N GLU B 212 16.15 22.08 -1.55
CA GLU B 212 16.83 23.05 -2.40
C GLU B 212 18.33 22.99 -2.12
N PRO B 213 19.17 22.88 -3.13
CA PRO B 213 20.59 22.68 -2.88
C PRO B 213 21.28 23.94 -2.37
N VAL B 214 22.43 23.73 -1.75
CA VAL B 214 23.31 24.82 -1.32
C VAL B 214 24.74 24.46 -1.71
N SER B 215 25.46 25.44 -2.23
CA SER B 215 26.81 25.24 -2.72
C SER B 215 27.83 25.88 -1.79
N LEU B 216 29.08 25.44 -1.91
CA LEU B 216 30.15 25.90 -1.04
C LEU B 216 31.48 25.65 -1.73
N LEU B 217 32.44 26.55 -1.49
CA LEU B 217 33.78 26.45 -2.02
C LEU B 217 34.75 26.28 -0.87
N THR B 218 35.48 25.17 -0.87
CA THR B 218 36.37 24.82 0.23
C THR B 218 37.64 25.65 0.19
N PRO B 219 38.26 25.89 1.35
CA PRO B 219 39.52 26.63 1.39
C PRO B 219 40.70 25.72 1.04
N SER B 220 41.90 26.28 1.16
CA SER B 220 43.12 25.57 0.81
C SER B 220 43.48 24.55 1.90
N ASP B 221 43.96 23.38 1.47
CA ASP B 221 44.35 22.34 2.41
C ASP B 221 45.70 22.67 3.02
N LEU B 222 45.76 22.63 4.35
CA LEU B 222 46.99 22.97 5.07
C LEU B 222 48.00 21.83 4.99
C1 EDO C . 0.28 -1.55 4.27
O1 EDO C . -0.90 -1.83 3.50
C2 EDO C . 0.29 -0.06 4.62
O2 EDO C . 0.57 0.09 6.02
#